data_6P8H
#
_entry.id   6P8H
#
_cell.length_a   62.620
_cell.length_b   67.980
_cell.length_c   185.360
_cell.angle_alpha   90.00
_cell.angle_beta   90.00
_cell.angle_gamma   90.00
#
_symmetry.space_group_name_H-M   'P 21 2 21'
#
loop_
_entity.id
_entity.type
_entity.pdbx_description
1 polymer 'G1/S-specific cyclin-D1'
2 polymer 'Cyclin-dependent kinase 4'
3 polymer 'Cyclin-dependent kinase inhibitor 1'
#
loop_
_entity_poly.entity_id
_entity_poly.type
_entity_poly.pdbx_seq_one_letter_code
_entity_poly.pdbx_strand_id
1 'polypeptide(L)'
;DANLLNDRVLRAMLKAEETCAPSVSYFKCVQKEVLPSMRKIVATWMLEVCEEQKCEEEVFPLAMNYLDRFLSLEPVKKSR
LQLLGATCMFVASKMKETIPLTAEKLCIYTDNSIRPEELLQMELLLVNKLKWNLAAMTPHDFIEHFLSKMPEAEENKQII
RKHAQTFVALCATDVKFISNPPSMVAAGSVVAAVQGLNLRSPNNFLSYYRLTRFLSRVIKCDPDCLRACQEQIEALLESS
LRQAQQNMD
;
A
2 'polypeptide(L)'
;GEFATSRYEPVAEIGVGAYGTVYKARDPHSGHFVALKSVRVPNGEEGLPISTVREVALLRRLEAFEHPNVVRLMDVCATS
RTDREIKVTLVFEHVDQDLRTYLDKAPPPGLPAETIKDLMRQFLRGLDFLHANCIVHRDLKPENILVTSGGTVKLADFGL
ARIYSYQMALTPVVVTLWYRAPEVLLQSTYATPVDMWSVGCIFAEMFRRKPLFCGNSEADQLGKIFDLIGLPPEDDWPRD
VSLPRGAFPPRGPRPVQSVVPEMEESGAQLLLEMLTFNPHKRISAFRALQHSYLHKDEGNPE
;
B
3 'polypeptide(L)' GEFRQNPCGSKACRRLFGPVDSEQLSRDCDALMAGCIQEARERWNFDFVTETPLEGDFAWERVRGLGLPKLYLPTGPRRG C
#
# COMPACT_ATOMS: atom_id res chain seq x y z
N ASP A 1 9.75 -0.82 -23.26
CA ASP A 1 9.72 0.44 -22.52
C ASP A 1 10.03 0.21 -21.04
N ALA A 2 10.91 -0.75 -20.75
CA ALA A 2 11.31 -1.00 -19.37
C ALA A 2 12.13 0.14 -18.80
N ASN A 3 12.77 0.95 -19.64
CA ASN A 3 13.58 2.06 -19.15
C ASN A 3 12.73 3.11 -18.44
N LEU A 4 11.65 3.54 -19.09
CA LEU A 4 10.77 4.53 -18.48
C LEU A 4 9.85 3.90 -17.44
N LEU A 5 9.31 2.72 -17.73
CA LEU A 5 8.37 2.08 -16.81
C LEU A 5 9.03 1.76 -15.47
N ASN A 6 10.34 1.51 -15.46
CA ASN A 6 11.02 1.27 -14.20
C ASN A 6 11.28 2.58 -13.45
N ASP A 7 11.49 3.68 -14.18
CA ASP A 7 11.52 4.98 -13.53
C ASP A 7 10.12 5.42 -13.12
N ARG A 8 9.10 4.95 -13.84
CA ARG A 8 7.72 5.20 -13.41
C ARG A 8 7.48 4.63 -12.02
N VAL A 9 7.93 3.39 -11.77
CA VAL A 9 7.80 2.79 -10.45
C VAL A 9 8.72 3.49 -9.46
N LEU A 10 9.95 3.79 -9.88
CA LEU A 10 10.92 4.37 -8.95
C LEU A 10 10.55 5.79 -8.55
N ARG A 11 9.94 6.56 -9.47
CA ARG A 11 9.44 7.88 -9.08
C ARG A 11 8.39 7.77 -7.99
N ALA A 12 7.50 6.78 -8.09
CA ALA A 12 6.48 6.61 -7.06
C ALA A 12 7.08 6.12 -5.75
N MET A 13 8.13 5.31 -5.80
CA MET A 13 8.76 4.84 -4.58
C MET A 13 9.46 5.96 -3.83
N LEU A 14 10.04 6.91 -4.55
CA LEU A 14 10.72 8.03 -3.90
C LEU A 14 9.75 9.05 -3.35
N LYS A 15 8.58 9.19 -3.96
CA LYS A 15 7.61 10.17 -3.50
C LYS A 15 6.89 9.68 -2.25
N ALA A 16 6.52 8.40 -2.20
CA ALA A 16 5.89 7.84 -1.03
C ALA A 16 6.87 7.71 0.14
N GLU A 17 8.18 7.61 -0.16
CA GLU A 17 9.19 7.52 0.88
C GLU A 17 9.28 8.81 1.69
N GLU A 18 8.99 9.95 1.06
CA GLU A 18 9.13 11.24 1.72
C GLU A 18 8.05 11.50 2.78
N THR A 19 7.06 10.62 2.90
CA THR A 19 6.00 10.82 3.88
C THR A 19 6.30 10.15 5.21
N CYS A 20 6.75 8.90 5.18
CA CYS A 20 7.06 8.15 6.40
C CYS A 20 8.51 8.39 6.80
N ALA A 21 8.83 9.65 7.11
CA ALA A 21 10.18 10.06 7.44
C ALA A 21 10.21 10.74 8.80
N PRO A 22 11.10 10.36 9.70
CA PRO A 22 11.23 11.02 10.99
C PRO A 22 12.14 12.24 10.92
N SER A 23 12.11 13.04 11.98
CA SER A 23 12.98 14.20 12.10
C SER A 23 14.25 13.80 12.83
N VAL A 24 15.40 14.24 12.29
CA VAL A 24 16.68 13.82 12.85
C VAL A 24 16.96 14.48 14.20
N SER A 25 16.25 15.54 14.54
CA SER A 25 16.53 16.33 15.73
C SER A 25 15.50 16.11 16.84
N TYR A 26 14.98 14.90 16.98
CA TYR A 26 14.03 14.62 18.05
C TYR A 26 14.71 14.31 19.38
N PHE A 27 16.02 14.04 19.37
CA PHE A 27 16.71 13.79 20.62
C PHE A 27 16.80 15.05 21.47
N LYS A 28 17.11 16.19 20.85
CA LYS A 28 17.25 17.44 21.59
C LYS A 28 15.90 18.06 21.89
N CYS A 29 14.97 18.02 20.94
CA CYS A 29 13.73 18.75 21.04
C CYS A 29 12.62 17.95 21.73
N VAL A 30 12.35 16.75 21.23
CA VAL A 30 11.20 16.00 21.72
C VAL A 30 11.55 15.22 22.99
N GLN A 31 12.52 14.31 22.89
CA GLN A 31 12.81 13.40 24.00
C GLN A 31 13.65 14.07 25.07
N LYS A 32 13.33 13.77 26.33
CA LYS A 32 14.10 14.24 27.47
C LYS A 32 14.92 13.12 28.09
N GLU A 33 14.27 12.02 28.49
CA GLU A 33 14.97 10.89 29.10
C GLU A 33 15.73 10.06 28.07
N VAL A 34 15.19 9.94 26.86
CA VAL A 34 15.79 9.07 25.85
C VAL A 34 17.02 9.77 25.25
N LEU A 35 18.14 9.06 25.25
CA LEU A 35 19.39 9.52 24.69
C LEU A 35 19.76 8.70 23.46
N PRO A 36 20.59 9.25 22.56
CA PRO A 36 20.98 8.47 21.38
C PRO A 36 21.67 7.16 21.71
N SER A 37 22.31 7.06 22.88
CA SER A 37 22.89 5.79 23.29
C SER A 37 21.80 4.76 23.60
N MET A 38 20.68 5.21 24.15
CA MET A 38 19.61 4.30 24.52
C MET A 38 18.86 3.75 23.32
N ARG A 39 18.92 4.43 22.17
CA ARG A 39 18.27 3.91 20.97
C ARG A 39 19.04 2.73 20.40
N LYS A 40 20.37 2.83 20.34
CA LYS A 40 21.18 1.70 19.89
C LYS A 40 21.02 0.50 20.81
N ILE A 41 20.77 0.74 22.10
CA ILE A 41 20.62 -0.36 23.05
C ILE A 41 19.31 -1.10 22.79
N VAL A 42 18.21 -0.37 22.58
CA VAL A 42 16.94 -1.03 22.31
C VAL A 42 16.89 -1.58 20.88
N ALA A 43 17.60 -0.94 19.95
CA ALA A 43 17.62 -1.45 18.58
C ALA A 43 18.39 -2.76 18.49
N THR A 44 19.49 -2.88 19.25
CA THR A 44 20.24 -4.13 19.26
C THR A 44 19.38 -5.26 19.82
N TRP A 45 18.54 -4.95 20.82
CA TRP A 45 17.65 -5.97 21.37
C TRP A 45 16.60 -6.38 20.35
N MET A 46 15.97 -5.41 19.68
CA MET A 46 14.97 -5.72 18.67
C MET A 46 15.57 -6.56 17.55
N LEU A 47 16.83 -6.31 17.19
CA LEU A 47 17.47 -7.08 16.13
C LEU A 47 17.63 -8.53 16.55
N GLU A 48 18.06 -8.77 17.79
CA GLU A 48 18.23 -10.15 18.26
C GLU A 48 16.91 -10.89 18.31
N VAL A 49 15.82 -10.20 18.63
CA VAL A 49 14.51 -10.84 18.65
C VAL A 49 14.14 -11.36 17.26
N CYS A 50 14.39 -10.55 16.23
CA CYS A 50 14.08 -10.98 14.87
C CYS A 50 15.08 -12.03 14.39
N GLU A 51 16.31 -12.00 14.90
CA GLU A 51 17.28 -13.05 14.58
C GLU A 51 16.81 -14.40 15.10
N GLU A 52 16.46 -14.46 16.39
CA GLU A 52 16.08 -15.74 16.99
C GLU A 52 14.77 -16.25 16.42
N GLN A 53 13.77 -15.37 16.28
CA GLN A 53 12.49 -15.78 15.75
C GLN A 53 12.50 -15.99 14.25
N LYS A 54 13.66 -15.87 13.60
CA LYS A 54 13.80 -16.10 12.16
C LYS A 54 12.79 -15.26 11.38
N CYS A 55 12.64 -14.01 11.81
CA CYS A 55 11.69 -13.10 11.18
C CYS A 55 12.06 -12.84 9.73
N GLU A 56 11.10 -12.31 8.98
CA GLU A 56 11.38 -11.77 7.67
C GLU A 56 12.40 -10.64 7.79
N GLU A 57 13.33 -10.59 6.83
CA GLU A 57 14.40 -9.59 6.89
C GLU A 57 13.86 -8.16 6.90
N GLU A 58 12.59 -7.97 6.52
CA GLU A 58 11.99 -6.64 6.50
C GLU A 58 11.42 -6.20 7.85
N VAL A 59 11.22 -7.14 8.78
CA VAL A 59 10.47 -6.83 9.99
C VAL A 59 11.24 -5.87 10.88
N PHE A 60 12.55 -6.14 11.08
CA PHE A 60 13.31 -5.32 12.02
C PHE A 60 13.50 -3.90 11.54
N PRO A 61 13.95 -3.62 10.31
CA PRO A 61 14.06 -2.21 9.88
C PRO A 61 12.73 -1.49 9.83
N LEU A 62 11.65 -2.20 9.48
CA LEU A 62 10.33 -1.57 9.48
C LEU A 62 9.91 -1.17 10.90
N ALA A 63 10.20 -2.03 11.88
CA ALA A 63 9.88 -1.70 13.27
C ALA A 63 10.67 -0.50 13.76
N MET A 64 11.91 -0.34 13.29
CA MET A 64 12.70 0.82 13.68
C MET A 64 12.17 2.09 13.03
N ASN A 65 11.59 1.97 11.83
CA ASN A 65 10.96 3.13 11.20
C ASN A 65 9.79 3.62 12.02
N TYR A 66 9.02 2.69 12.61
CA TYR A 66 7.96 3.08 13.52
C TYR A 66 8.52 3.73 14.77
N LEU A 67 9.64 3.21 15.28
CA LEU A 67 10.23 3.73 16.52
C LEU A 67 10.70 5.16 16.34
N ASP A 68 11.46 5.43 15.28
CA ASP A 68 11.97 6.78 15.05
C ASP A 68 10.82 7.76 14.82
N ARG A 69 9.75 7.32 14.16
CA ARG A 69 8.64 8.21 13.87
C ARG A 69 7.83 8.50 15.13
N PHE A 70 7.64 7.51 15.99
CA PHE A 70 6.92 7.74 17.24
C PHE A 70 7.73 8.64 18.18
N LEU A 71 9.04 8.45 18.23
CA LEU A 71 9.88 9.30 19.05
C LEU A 71 9.98 10.72 18.49
N SER A 72 9.64 10.90 17.21
CA SER A 72 9.62 12.23 16.61
C SER A 72 8.35 13.01 16.92
N LEU A 73 7.35 12.36 17.53
CA LEU A 73 6.07 13.00 17.82
C LEU A 73 5.74 13.06 19.30
N GLU A 74 6.22 12.11 20.10
CA GLU A 74 5.82 12.01 21.50
C GLU A 74 6.99 11.60 22.38
N PRO A 75 7.09 12.15 23.59
CA PRO A 75 8.14 11.72 24.52
C PRO A 75 7.79 10.39 25.17
N VAL A 76 8.81 9.56 25.35
CA VAL A 76 8.66 8.24 25.96
C VAL A 76 9.61 8.15 27.14
N LYS A 77 9.15 7.54 28.22
CA LYS A 77 9.98 7.37 29.41
C LYS A 77 11.09 6.36 29.16
N LYS A 78 12.16 6.47 29.95
CA LYS A 78 13.27 5.53 29.85
C LYS A 78 12.79 4.10 30.09
N SER A 79 11.92 3.91 31.08
CA SER A 79 11.42 2.57 31.38
C SER A 79 10.52 2.05 30.27
N ARG A 80 9.77 2.94 29.63
CA ARG A 80 8.81 2.56 28.60
C ARG A 80 9.42 2.49 27.21
N LEU A 81 10.72 2.75 27.08
CA LEU A 81 11.34 2.70 25.76
C LEU A 81 11.34 1.29 25.20
N GLN A 82 11.54 0.29 26.06
CA GLN A 82 11.47 -1.10 25.61
C GLN A 82 10.06 -1.49 25.21
N LEU A 83 9.06 -1.06 26.00
CA LEU A 83 7.67 -1.31 25.65
C LEU A 83 7.34 -0.77 24.26
N LEU A 84 7.90 0.38 23.91
CA LEU A 84 7.68 0.95 22.58
C LEU A 84 8.29 0.07 21.49
N GLY A 85 9.51 -0.42 21.71
CA GLY A 85 10.16 -1.26 20.71
C GLY A 85 9.44 -2.58 20.48
N ALA A 86 8.88 -3.16 21.54
CA ALA A 86 8.12 -4.39 21.39
C ALA A 86 6.84 -4.15 20.60
N THR A 87 6.19 -3.00 20.80
CA THR A 87 4.99 -2.69 20.05
C THR A 87 5.28 -2.46 18.58
N CYS A 88 6.43 -1.84 18.28
CA CYS A 88 6.81 -1.61 16.89
C CYS A 88 7.04 -2.93 16.16
N MET A 89 7.70 -3.88 16.82
CA MET A 89 7.86 -5.20 16.21
C MET A 89 6.54 -5.92 16.05
N PHE A 90 5.60 -5.70 16.99
CA PHE A 90 4.31 -6.37 16.92
C PHE A 90 3.54 -5.94 15.67
N VAL A 91 3.64 -4.67 15.29
CA VAL A 91 2.93 -4.18 14.11
C VAL A 91 3.70 -4.51 12.84
N ALA A 92 5.02 -4.39 12.88
CA ALA A 92 5.83 -4.67 11.68
C ALA A 92 5.74 -6.14 11.28
N SER A 93 5.69 -7.04 12.26
CA SER A 93 5.56 -8.45 11.95
C SER A 93 4.20 -8.76 11.33
N LYS A 94 3.16 -8.03 11.75
CA LYS A 94 1.86 -8.20 11.11
C LYS A 94 1.89 -7.74 9.66
N MET A 95 2.67 -6.70 9.37
CA MET A 95 2.66 -6.13 8.02
C MET A 95 3.38 -7.02 7.02
N LYS A 96 4.42 -7.74 7.45
CA LYS A 96 5.27 -8.48 6.52
C LYS A 96 5.20 -9.99 6.69
N GLU A 97 5.06 -10.49 7.91
CA GLU A 97 5.10 -11.93 8.13
C GLU A 97 3.73 -12.57 7.93
N THR A 98 3.75 -13.83 7.47
CA THR A 98 2.52 -14.60 7.35
C THR A 98 1.90 -14.85 8.72
N ILE A 99 2.62 -15.56 9.59
CA ILE A 99 2.22 -15.75 10.97
C ILE A 99 3.03 -14.80 11.83
N PRO A 100 2.44 -13.71 12.31
CA PRO A 100 3.22 -12.71 13.06
C PRO A 100 3.69 -13.20 14.42
N LEU A 101 4.45 -12.36 15.11
CA LEU A 101 4.90 -12.68 16.46
C LEU A 101 3.72 -12.58 17.43
N THR A 102 3.55 -13.61 18.25
CA THR A 102 2.50 -13.59 19.26
C THR A 102 2.85 -12.58 20.34
N ALA A 103 1.83 -11.84 20.80
CA ALA A 103 2.04 -10.82 21.82
C ALA A 103 2.59 -11.41 23.11
N GLU A 104 2.26 -12.67 23.40
CA GLU A 104 2.83 -13.32 24.56
C GLU A 104 4.33 -13.55 24.39
N LYS A 105 4.74 -14.04 23.22
CA LYS A 105 6.15 -14.30 22.98
C LYS A 105 6.97 -13.03 22.99
N LEU A 106 6.38 -11.91 22.58
CA LEU A 106 7.07 -10.63 22.64
C LEU A 106 7.29 -10.18 24.08
N CYS A 107 6.31 -10.42 24.95
CA CYS A 107 6.46 -10.07 26.35
C CYS A 107 7.49 -10.94 27.05
N ILE A 108 7.64 -12.19 26.60
CA ILE A 108 8.70 -13.04 27.15
C ILE A 108 10.07 -12.50 26.79
N TYR A 109 10.21 -11.97 25.56
CA TYR A 109 11.47 -11.37 25.15
C TYR A 109 11.81 -10.12 25.94
N THR A 110 10.82 -9.46 26.56
CA THR A 110 11.07 -8.35 27.45
C THR A 110 11.36 -8.81 28.88
N ASP A 111 11.69 -10.09 29.06
CA ASP A 111 11.88 -10.68 30.39
C ASP A 111 10.63 -10.47 31.25
N ASN A 112 9.46 -10.47 30.59
CA ASN A 112 8.17 -10.24 31.25
C ASN A 112 8.12 -8.91 31.98
N SER A 113 8.85 -7.91 31.47
CA SER A 113 8.73 -6.56 32.01
C SER A 113 7.38 -5.96 31.66
N ILE A 114 6.89 -6.24 30.46
CA ILE A 114 5.59 -5.76 30.02
C ILE A 114 4.63 -6.95 29.99
N ARG A 115 3.34 -6.63 29.94
CA ARG A 115 2.27 -7.61 29.88
C ARG A 115 1.51 -7.48 28.57
N PRO A 116 0.86 -8.54 28.10
CA PRO A 116 0.12 -8.45 26.83
C PRO A 116 -0.96 -7.38 26.83
N GLU A 117 -1.58 -7.11 27.99
CA GLU A 117 -2.56 -6.03 28.04
C GLU A 117 -1.91 -4.67 27.81
N GLU A 118 -0.63 -4.53 28.14
CA GLU A 118 0.08 -3.28 27.91
C GLU A 118 0.54 -3.15 26.47
N LEU A 119 0.90 -4.26 25.83
CA LEU A 119 1.32 -4.22 24.43
C LEU A 119 0.16 -3.89 23.51
N LEU A 120 -1.00 -4.51 23.74
CA LEU A 120 -2.17 -4.24 22.92
C LEU A 120 -2.65 -2.81 23.10
N GLN A 121 -2.68 -2.31 24.33
CA GLN A 121 -3.08 -0.93 24.57
C GLN A 121 -2.08 0.06 23.95
N MET A 122 -0.81 -0.34 23.85
CA MET A 122 0.16 0.49 23.16
C MET A 122 0.02 0.39 21.64
N GLU A 123 -0.48 -0.75 21.15
CA GLU A 123 -0.67 -0.91 19.71
C GLU A 123 -1.64 0.13 19.17
N LEU A 124 -2.76 0.34 19.88
CA LEU A 124 -3.71 1.37 19.48
C LEU A 124 -3.06 2.76 19.55
N LEU A 125 -2.31 3.02 20.62
CA LEU A 125 -1.68 4.33 20.78
C LEU A 125 -0.64 4.58 19.71
N LEU A 126 0.14 3.55 19.34
CA LEU A 126 1.18 3.72 18.34
C LEU A 126 0.58 3.92 16.95
N VAL A 127 -0.39 3.09 16.59
CA VAL A 127 -0.96 3.15 15.24
C VAL A 127 -1.76 4.44 15.05
N ASN A 128 -2.49 4.86 16.08
CA ASN A 128 -3.22 6.13 16.00
C ASN A 128 -2.26 7.31 15.85
N LYS A 129 -1.12 7.26 16.54
CA LYS A 129 -0.18 8.37 16.47
C LYS A 129 0.57 8.40 15.14
N LEU A 130 0.74 7.25 14.50
CA LEU A 130 1.37 7.19 13.18
C LEU A 130 0.37 7.47 12.05
N LYS A 131 -0.85 7.88 12.38
CA LYS A 131 -1.90 8.13 11.39
C LYS A 131 -2.15 6.91 10.50
N TRP A 132 -1.96 5.71 11.07
CA TRP A 132 -2.15 4.44 10.36
C TRP A 132 -1.27 4.35 9.11
N ASN A 133 -0.16 5.09 9.09
CA ASN A 133 0.75 5.08 7.94
C ASN A 133 1.82 4.02 8.16
N LEU A 134 1.39 2.76 8.05
CA LEU A 134 2.22 1.61 8.34
C LEU A 134 2.91 1.02 7.11
N ALA A 135 2.35 1.23 5.91
CA ALA A 135 2.94 0.71 4.68
C ALA A 135 4.06 1.62 4.20
N ALA A 136 5.04 1.81 5.07
CA ALA A 136 6.16 2.68 4.76
C ALA A 136 7.10 2.02 3.76
N MET A 137 7.72 2.85 2.93
CA MET A 137 8.72 2.35 1.98
C MET A 137 9.95 1.87 2.75
N THR A 138 10.37 0.66 2.48
CA THR A 138 11.47 0.04 3.20
C THR A 138 12.73 0.01 2.34
N PRO A 139 13.90 -0.07 2.97
CA PRO A 139 15.13 -0.25 2.19
C PRO A 139 15.13 -1.51 1.34
N HIS A 140 14.48 -2.58 1.82
CA HIS A 140 14.42 -3.81 1.04
C HIS A 140 13.69 -3.60 -0.28
N ASP A 141 12.70 -2.72 -0.31
CA ASP A 141 11.98 -2.44 -1.55
C ASP A 141 12.93 -1.91 -2.62
N PHE A 142 13.75 -0.92 -2.28
CA PHE A 142 14.67 -0.35 -3.25
C PHE A 142 15.76 -1.34 -3.63
N ILE A 143 16.22 -2.15 -2.66
CA ILE A 143 17.25 -3.16 -2.94
C ILE A 143 16.76 -4.13 -3.99
N GLU A 144 15.54 -4.65 -3.81
CA GLU A 144 14.98 -5.58 -4.78
C GLU A 144 14.72 -4.90 -6.12
N HIS A 145 14.45 -3.59 -6.11
CA HIS A 145 14.27 -2.86 -7.36
C HIS A 145 15.59 -2.65 -8.06
N PHE A 146 16.65 -2.35 -7.31
CA PHE A 146 17.97 -2.16 -7.92
C PHE A 146 18.49 -3.46 -8.52
N LEU A 147 18.30 -4.58 -7.81
CA LEU A 147 18.81 -5.86 -8.30
C LEU A 147 18.15 -6.26 -9.61
N SER A 148 16.88 -5.92 -9.80
CA SER A 148 16.20 -6.26 -11.05
C SER A 148 16.82 -5.56 -12.25
N LYS A 149 17.54 -4.46 -12.03
CA LYS A 149 18.23 -3.76 -13.11
C LYS A 149 19.68 -4.17 -13.25
N MET A 150 20.25 -4.83 -12.25
CA MET A 150 21.63 -5.29 -12.34
C MET A 150 21.70 -6.61 -13.10
N PRO A 151 22.42 -6.68 -14.21
CA PRO A 151 22.42 -7.91 -15.02
C PRO A 151 23.34 -8.99 -14.46
N GLU A 152 23.30 -9.21 -13.16
CA GLU A 152 24.10 -10.25 -12.52
C GLU A 152 23.33 -11.57 -12.47
N ALA A 153 24.08 -12.66 -12.38
CA ALA A 153 23.47 -13.97 -12.27
C ALA A 153 22.72 -14.10 -10.95
N GLU A 154 21.73 -15.01 -10.93
CA GLU A 154 20.89 -15.15 -9.74
C GLU A 154 21.70 -15.62 -8.54
N GLU A 155 22.73 -16.44 -8.76
CA GLU A 155 23.58 -16.86 -7.66
C GLU A 155 24.31 -15.66 -7.05
N ASN A 156 24.76 -14.72 -7.88
CA ASN A 156 25.40 -13.52 -7.37
C ASN A 156 24.40 -12.48 -6.89
N LYS A 157 23.18 -12.49 -7.44
CA LYS A 157 22.14 -11.58 -6.95
C LYS A 157 21.77 -11.93 -5.52
N GLN A 158 21.73 -13.23 -5.19
CA GLN A 158 21.32 -13.64 -3.85
C GLN A 158 22.42 -13.40 -2.82
N ILE A 159 23.69 -13.50 -3.21
CA ILE A 159 24.75 -13.21 -2.26
C ILE A 159 24.90 -11.70 -2.08
N ILE A 160 24.64 -10.91 -3.13
CA ILE A 160 24.59 -9.46 -2.97
C ILE A 160 23.39 -9.07 -2.12
N ARG A 161 22.27 -9.77 -2.30
CA ARG A 161 21.07 -9.47 -1.53
C ARG A 161 21.31 -9.71 -0.05
N LYS A 162 21.96 -10.83 0.30
CA LYS A 162 22.20 -11.16 1.70
C LYS A 162 23.13 -10.13 2.35
N HIS A 163 24.21 -9.75 1.67
CA HIS A 163 25.12 -8.77 2.24
C HIS A 163 24.47 -7.40 2.34
N ALA A 164 23.67 -7.02 1.35
CA ALA A 164 22.98 -5.73 1.40
C ALA A 164 21.94 -5.72 2.51
N GLN A 165 21.18 -6.81 2.66
CA GLN A 165 20.23 -6.90 3.76
C GLN A 165 20.94 -6.82 5.11
N THR A 166 22.12 -7.41 5.22
CA THR A 166 22.89 -7.33 6.46
C THR A 166 23.34 -5.91 6.73
N PHE A 167 23.77 -5.19 5.68
CA PHE A 167 24.20 -3.81 5.86
C PHE A 167 23.05 -2.89 6.26
N VAL A 168 21.83 -3.22 5.82
CA VAL A 168 20.67 -2.41 6.22
C VAL A 168 20.37 -2.61 7.70
N ALA A 169 20.57 -3.83 8.21
CA ALA A 169 20.31 -4.09 9.62
C ALA A 169 21.28 -3.32 10.51
N LEU A 170 22.56 -3.28 10.13
CA LEU A 170 23.54 -2.52 10.90
C LEU A 170 23.24 -1.03 10.86
N CYS A 171 22.68 -0.53 9.76
CA CYS A 171 22.33 0.88 9.68
C CYS A 171 21.21 1.23 10.65
N ALA A 172 20.22 0.34 10.79
CA ALA A 172 19.06 0.62 11.62
C ALA A 172 19.41 0.85 13.08
N THR A 173 20.57 0.35 13.54
CA THR A 173 21.00 0.56 14.91
C THR A 173 21.72 1.87 15.11
N ASP A 174 22.21 2.49 14.03
CA ASP A 174 22.96 3.75 14.10
C ASP A 174 22.03 4.92 13.81
N VAL A 175 22.44 6.09 14.29
CA VAL A 175 21.65 7.31 14.08
C VAL A 175 21.66 7.77 12.63
N LYS A 176 22.47 7.14 11.77
CA LYS A 176 22.42 7.44 10.35
C LYS A 176 21.09 7.02 9.73
N PHE A 177 20.46 5.98 10.30
CA PHE A 177 19.20 5.48 9.78
C PHE A 177 18.07 6.50 9.92
N ILE A 178 18.22 7.47 10.83
CA ILE A 178 17.15 8.43 11.05
C ILE A 178 17.08 9.46 9.92
N SER A 179 18.23 10.05 9.57
CA SER A 179 18.23 11.11 8.57
C SER A 179 18.19 10.55 7.15
N ASN A 180 18.87 9.43 6.91
CA ASN A 180 18.94 8.88 5.57
C ASN A 180 17.62 8.25 5.16
N PRO A 181 17.08 8.59 3.99
CA PRO A 181 15.85 7.92 3.52
C PRO A 181 16.15 6.51 3.07
N PRO A 182 15.11 5.67 2.94
CA PRO A 182 15.36 4.27 2.54
C PRO A 182 16.03 4.11 1.18
N SER A 183 15.93 5.10 0.30
CA SER A 183 16.61 5.00 -0.99
C SER A 183 18.12 5.04 -0.81
N MET A 184 18.62 5.91 0.06
CA MET A 184 20.06 5.98 0.31
C MET A 184 20.55 4.74 1.03
N VAL A 185 19.85 4.34 2.10
CA VAL A 185 20.26 3.18 2.88
C VAL A 185 20.32 1.94 2.01
N ALA A 186 19.36 1.81 1.08
CA ALA A 186 19.35 0.64 0.19
C ALA A 186 20.50 0.70 -0.80
N ALA A 187 20.71 1.86 -1.43
CA ALA A 187 21.76 1.97 -2.44
C ALA A 187 23.15 1.88 -1.83
N GLY A 188 23.35 2.53 -0.68
CA GLY A 188 24.64 2.42 0.00
C GLY A 188 24.95 1.01 0.43
N SER A 189 23.92 0.23 0.76
CA SER A 189 24.13 -1.16 1.15
C SER A 189 24.53 -2.01 -0.05
N VAL A 190 23.94 -1.73 -1.22
CA VAL A 190 24.25 -2.50 -2.41
C VAL A 190 25.69 -2.28 -2.85
N VAL A 191 26.14 -1.02 -2.88
CA VAL A 191 27.49 -0.73 -3.35
C VAL A 191 28.51 -1.25 -2.35
N ALA A 192 28.18 -1.27 -1.06
CA ALA A 192 29.08 -1.88 -0.08
C ALA A 192 29.05 -3.40 -0.17
N ALA A 193 27.97 -3.97 -0.71
CA ALA A 193 27.88 -5.41 -0.84
C ALA A 193 28.56 -5.92 -2.12
N VAL A 194 28.54 -5.12 -3.19
CA VAL A 194 29.16 -5.55 -4.44
C VAL A 194 30.68 -5.49 -4.38
N GLN A 195 31.25 -4.76 -3.42
CA GLN A 195 32.67 -4.86 -3.14
C GLN A 195 33.02 -6.10 -2.34
N GLY A 196 32.06 -7.00 -2.13
CA GLY A 196 32.27 -8.11 -1.24
C GLY A 196 32.57 -7.62 0.16
N LEU A 197 33.30 -8.44 0.91
CA LEU A 197 33.82 -8.07 2.21
C LEU A 197 35.35 -8.00 2.17
N ASN A 198 35.90 -7.56 1.04
CA ASN A 198 37.33 -7.62 0.75
C ASN A 198 37.86 -9.04 0.78
N LEU A 199 36.97 -10.02 0.59
CA LEU A 199 37.37 -11.43 0.66
C LEU A 199 37.97 -11.90 -0.65
N ARG A 200 37.41 -11.46 -1.78
CA ARG A 200 37.89 -11.86 -3.10
C ARG A 200 37.92 -10.65 -4.01
N SER A 201 38.54 -10.82 -5.16
CA SER A 201 38.57 -9.76 -6.17
C SER A 201 37.17 -9.60 -6.77
N PRO A 202 36.61 -8.40 -6.81
CA PRO A 202 35.24 -8.23 -7.30
C PRO A 202 35.16 -8.48 -8.80
N ASN A 203 34.43 -9.53 -9.17
CA ASN A 203 34.16 -9.86 -10.57
C ASN A 203 32.65 -9.80 -10.77
N ASN A 204 32.20 -8.82 -11.55
CA ASN A 204 30.79 -8.57 -11.75
C ASN A 204 30.53 -8.16 -13.18
N PHE A 205 29.35 -8.53 -13.70
CA PHE A 205 29.04 -8.24 -15.09
C PHE A 205 28.80 -6.75 -15.31
N LEU A 206 28.08 -6.11 -14.40
CA LEU A 206 27.95 -4.65 -14.40
C LEU A 206 29.07 -4.08 -13.56
N SER A 207 29.86 -3.18 -14.15
CA SER A 207 31.00 -2.60 -13.46
C SER A 207 30.57 -1.87 -12.19
N TYR A 208 31.44 -1.88 -11.19
CA TYR A 208 31.18 -1.11 -9.98
C TYR A 208 31.07 0.38 -10.30
N TYR A 209 31.90 0.87 -11.22
CA TYR A 209 31.83 2.27 -11.62
C TYR A 209 30.49 2.59 -12.27
N ARG A 210 30.01 1.71 -13.14
CA ARG A 210 28.73 1.92 -13.79
C ARG A 210 27.57 1.78 -12.80
N LEU A 211 27.72 0.90 -11.80
CA LEU A 211 26.65 0.73 -10.81
C LEU A 211 26.54 1.94 -9.90
N THR A 212 27.67 2.52 -9.49
CA THR A 212 27.64 3.69 -8.64
C THR A 212 27.04 4.88 -9.37
N ARG A 213 27.41 5.08 -10.64
CA ARG A 213 26.86 6.19 -11.41
C ARG A 213 25.38 5.98 -11.69
N PHE A 214 24.95 4.73 -11.85
CA PHE A 214 23.54 4.46 -12.10
C PHE A 214 22.71 4.72 -10.85
N LEU A 215 23.14 4.17 -9.70
CA LEU A 215 22.39 4.35 -8.47
C LEU A 215 22.39 5.82 -8.04
N SER A 216 23.54 6.50 -8.16
CA SER A 216 23.62 7.90 -7.77
C SER A 216 22.82 8.81 -8.71
N ARG A 217 22.43 8.31 -9.88
CA ARG A 217 21.64 9.10 -10.80
C ARG A 217 20.14 9.01 -10.51
N VAL A 218 19.65 7.82 -10.16
CA VAL A 218 18.21 7.61 -10.02
C VAL A 218 17.71 7.97 -8.63
N ILE A 219 18.48 7.67 -7.58
CA ILE A 219 18.07 8.04 -6.22
C ILE A 219 18.49 9.46 -5.86
N LYS A 220 19.20 10.16 -6.75
CA LYS A 220 19.51 11.58 -6.61
C LYS A 220 20.39 11.84 -5.40
N CYS A 221 21.65 11.43 -5.50
CA CYS A 221 22.71 11.90 -4.59
C CYS A 221 24.04 11.65 -5.28
N ASP A 222 24.85 12.70 -5.39
CA ASP A 222 26.07 12.63 -6.20
C ASP A 222 27.03 11.57 -5.63
N PRO A 223 27.95 11.07 -6.47
CA PRO A 223 28.87 10.01 -6.01
C PRO A 223 29.62 10.34 -4.73
N ASP A 224 29.89 11.63 -4.48
CA ASP A 224 30.53 11.99 -3.22
C ASP A 224 29.61 11.75 -2.04
N CYS A 225 28.29 11.89 -2.23
CA CYS A 225 27.33 11.60 -1.17
C CYS A 225 26.97 10.12 -1.11
N LEU A 226 27.28 9.35 -2.16
CA LEU A 226 27.02 7.91 -2.13
C LEU A 226 28.16 7.16 -1.46
N ARG A 227 29.41 7.52 -1.78
CA ARG A 227 30.55 6.88 -1.12
C ARG A 227 30.62 7.24 0.35
N ALA A 228 30.18 8.45 0.72
CA ALA A 228 30.13 8.81 2.13
C ALA A 228 29.13 7.94 2.89
N CYS A 229 28.00 7.62 2.25
CA CYS A 229 27.04 6.71 2.87
C CYS A 229 27.60 5.28 2.93
N GLN A 230 28.43 4.90 1.96
CA GLN A 230 29.02 3.57 1.99
C GLN A 230 30.11 3.47 3.05
N GLU A 231 30.92 4.53 3.21
CA GLU A 231 31.98 4.51 4.21
C GLU A 231 31.41 4.47 5.62
N GLN A 232 30.27 5.13 5.85
CA GLN A 232 29.58 5.00 7.13
C GLN A 232 29.17 3.55 7.37
N ILE A 233 28.72 2.87 6.33
CA ILE A 233 28.25 1.49 6.46
C ILE A 233 29.42 0.58 6.84
N GLU A 234 30.51 0.64 6.08
CA GLU A 234 31.69 -0.16 6.40
C GLU A 234 32.27 0.22 7.76
N ALA A 235 32.04 1.45 8.22
CA ALA A 235 32.41 1.79 9.59
C ALA A 235 31.50 1.08 10.59
N LEU A 236 30.21 0.97 10.28
CA LEU A 236 29.30 0.22 11.13
C LEU A 236 29.65 -1.26 11.14
N LEU A 237 30.09 -1.78 10.00
CA LEU A 237 30.55 -3.17 9.95
C LEU A 237 31.81 -3.35 10.79
N GLU A 238 32.71 -2.37 10.77
CA GLU A 238 33.90 -2.44 11.60
C GLU A 238 33.53 -2.36 13.08
N SER A 239 32.61 -1.47 13.45
CA SER A 239 32.21 -1.35 14.84
C SER A 239 31.43 -2.58 15.30
N SER A 240 30.63 -3.18 14.42
CA SER A 240 29.91 -4.39 14.76
C SER A 240 30.87 -5.54 15.02
N LEU A 241 31.86 -5.72 14.13
CA LEU A 241 32.80 -6.82 14.28
C LEU A 241 33.72 -6.62 15.48
N ARG A 242 34.08 -5.37 15.79
CA ARG A 242 34.96 -5.12 16.92
C ARG A 242 34.30 -5.49 18.24
N GLN A 243 33.01 -5.20 18.38
CA GLN A 243 32.25 -5.55 19.59
C GLN A 243 31.88 -7.02 19.55
N ALA A 244 32.91 -7.86 19.61
CA ALA A 244 32.74 -9.31 19.58
C ALA A 244 33.99 -10.01 20.12
N GLY B 20 -22.01 3.23 13.90
CA GLY B 20 -22.07 2.10 12.98
C GLY B 20 -22.48 2.48 11.58
N THR B 21 -23.36 3.49 11.48
CA THR B 21 -23.84 3.96 10.19
C THR B 21 -22.85 4.94 9.56
N VAL B 22 -23.31 5.69 8.55
CA VAL B 22 -22.47 6.66 7.86
C VAL B 22 -23.12 8.02 7.94
N TYR B 23 -22.32 9.06 7.65
CA TYR B 23 -22.78 10.44 7.69
C TYR B 23 -22.14 11.20 6.55
N LYS B 24 -22.53 12.46 6.38
CA LYS B 24 -22.05 13.29 5.29
C LYS B 24 -21.97 14.74 5.76
N ALA B 25 -20.95 15.45 5.30
CA ALA B 25 -20.68 16.79 5.79
C ALA B 25 -20.56 17.83 4.67
N ARG B 26 -19.51 17.70 3.85
CA ARG B 26 -19.24 18.56 2.70
C ARG B 26 -18.74 19.95 3.09
N ASP B 27 -17.42 20.13 3.05
CA ASP B 27 -16.79 21.43 3.22
C ASP B 27 -15.36 21.37 2.69
N PRO B 28 -14.97 22.27 1.77
CA PRO B 28 -13.64 22.28 1.16
C PRO B 28 -12.51 22.44 2.18
N GLY B 31 -15.11 19.80 -5.33
CA GLY B 31 -14.51 18.95 -4.33
C GLY B 31 -14.88 19.35 -2.92
N HIS B 32 -16.13 19.09 -2.53
CA HIS B 32 -16.62 19.47 -1.20
C HIS B 32 -17.71 18.46 -0.80
N PHE B 33 -17.25 17.30 -0.34
CA PHE B 33 -18.13 16.30 0.26
C PHE B 33 -17.31 15.19 0.91
N VAL B 34 -17.55 14.94 2.20
CA VAL B 34 -16.85 13.91 2.95
C VAL B 34 -17.86 13.06 3.71
N ALA B 35 -17.41 11.89 4.14
CA ALA B 35 -18.24 10.93 4.85
C ALA B 35 -17.48 10.42 6.08
N LEU B 36 -18.16 9.58 6.86
CA LEU B 36 -17.58 9.05 8.09
C LEU B 36 -18.33 7.77 8.46
N LYS B 37 -17.58 6.69 8.64
CA LYS B 37 -18.14 5.43 9.12
C LYS B 37 -17.25 4.86 10.22
N SER B 38 -17.87 4.19 11.17
CA SER B 38 -17.18 3.59 12.31
C SER B 38 -17.49 2.10 12.33
N VAL B 39 -16.47 1.27 12.13
CA VAL B 39 -16.63 -0.18 12.04
C VAL B 39 -16.08 -0.91 13.27
N ARG B 40 -16.77 -1.97 13.66
CA ARG B 40 -16.32 -2.83 14.75
C ARG B 40 -15.45 -4.00 14.31
N VAL B 41 -14.23 -4.07 14.84
CA VAL B 41 -13.29 -5.12 14.49
C VAL B 41 -13.25 -6.15 15.61
N PRO B 42 -13.09 -7.43 15.30
CA PRO B 42 -13.06 -8.45 16.37
C PRO B 42 -11.76 -8.41 17.16
N ASN B 43 -11.77 -7.69 18.29
CA ASN B 43 -10.60 -7.68 19.17
C ASN B 43 -10.46 -9.03 19.86
N GLY B 44 -9.25 -9.56 19.86
CA GLY B 44 -9.01 -10.85 20.48
C GLY B 44 -7.68 -10.94 21.19
N GLU B 45 -6.99 -12.06 21.00
CA GLU B 45 -5.74 -12.29 21.71
C GLU B 45 -4.63 -11.41 21.17
N GLU B 46 -4.58 -11.21 19.84
CA GLU B 46 -3.49 -10.53 19.19
C GLU B 46 -3.83 -9.09 18.80
N GLY B 47 -4.78 -8.48 19.50
CA GLY B 47 -5.10 -7.08 19.24
C GLY B 47 -5.75 -6.89 17.88
N LEU B 48 -5.27 -5.89 17.15
CA LEU B 48 -5.83 -5.58 15.84
C LEU B 48 -5.60 -6.75 14.88
N PRO B 49 -6.57 -7.08 14.03
CA PRO B 49 -6.36 -8.16 13.06
C PRO B 49 -5.31 -7.78 12.03
N ILE B 50 -4.75 -8.82 11.40
CA ILE B 50 -3.73 -8.61 10.37
C ILE B 50 -4.32 -7.88 9.17
N SER B 51 -5.46 -8.37 8.67
CA SER B 51 -6.07 -7.74 7.50
C SER B 51 -6.53 -6.32 7.80
N THR B 52 -6.88 -6.03 9.05
CA THR B 52 -7.33 -4.69 9.41
C THR B 52 -6.19 -3.68 9.30
N VAL B 53 -5.00 -4.04 9.81
CA VAL B 53 -3.90 -3.08 9.78
C VAL B 53 -3.31 -2.96 8.38
N ARG B 54 -3.37 -4.03 7.59
CA ARG B 54 -2.81 -3.97 6.24
C ARG B 54 -3.71 -3.19 5.30
N GLU B 55 -5.04 -3.40 5.39
CA GLU B 55 -5.95 -2.72 4.49
C GLU B 55 -5.91 -1.21 4.69
N VAL B 56 -5.97 -0.76 5.95
CA VAL B 56 -5.95 0.67 6.23
C VAL B 56 -4.60 1.26 5.84
N ALA B 57 -3.52 0.54 6.10
CA ALA B 57 -2.20 1.03 5.73
C ALA B 57 -2.05 1.17 4.22
N LEU B 58 -2.64 0.24 3.47
CA LEU B 58 -2.61 0.33 2.01
C LEU B 58 -3.37 1.56 1.53
N LEU B 59 -4.51 1.85 2.17
CA LEU B 59 -5.27 3.05 1.82
C LEU B 59 -4.49 4.31 2.19
N ARG B 60 -3.80 4.31 3.33
CA ARG B 60 -3.05 5.47 3.76
C ARG B 60 -1.80 5.69 2.91
N ARG B 61 -1.30 4.65 2.24
CA ARG B 61 -0.12 4.83 1.39
C ARG B 61 -0.47 5.63 0.13
N LEU B 62 -1.72 5.56 -0.32
CA LEU B 62 -2.14 6.31 -1.50
C LEU B 62 -2.22 7.81 -1.23
N GLU B 63 -2.37 8.21 0.03
CA GLU B 63 -2.47 9.62 0.37
C GLU B 63 -1.19 10.39 0.11
N ALA B 64 -0.08 9.70 -0.15
CA ALA B 64 1.16 10.39 -0.52
C ALA B 64 1.01 11.10 -1.86
N PHE B 65 0.34 10.46 -2.81
CA PHE B 65 0.05 11.07 -4.10
C PHE B 65 -1.35 11.65 -4.18
N GLU B 66 -2.23 11.28 -3.25
CA GLU B 66 -3.63 11.73 -3.23
C GLU B 66 -4.37 11.28 -4.49
N HIS B 67 -4.03 11.87 -5.64
CA HIS B 67 -4.54 11.54 -6.96
C HIS B 67 -6.01 11.91 -7.10
N PRO B 68 -6.42 12.50 -8.23
CA PRO B 68 -7.79 13.02 -8.34
C PRO B 68 -8.83 11.98 -8.68
N ASN B 69 -8.45 10.83 -9.23
CA ASN B 69 -9.41 9.85 -9.72
C ASN B 69 -9.65 8.71 -8.74
N VAL B 70 -9.17 8.82 -7.50
CA VAL B 70 -9.52 7.90 -6.43
C VAL B 70 -9.91 8.72 -5.21
N VAL B 71 -10.77 8.15 -4.37
CA VAL B 71 -11.21 8.85 -3.17
C VAL B 71 -10.08 8.88 -2.15
N ARG B 72 -9.96 9.99 -1.44
CA ARG B 72 -8.91 10.17 -0.44
C ARG B 72 -9.42 9.75 0.93
N LEU B 73 -8.55 9.07 1.68
CA LEU B 73 -8.83 8.69 3.06
C LEU B 73 -8.35 9.83 3.96
N MET B 74 -9.29 10.59 4.51
CA MET B 74 -8.93 11.80 5.24
C MET B 74 -8.24 11.48 6.56
N ASP B 75 -8.88 10.67 7.40
CA ASP B 75 -8.30 10.34 8.70
C ASP B 75 -8.88 9.03 9.20
N VAL B 76 -8.08 8.31 9.98
CA VAL B 76 -8.48 7.07 10.63
C VAL B 76 -8.09 7.14 12.09
N CYS B 77 -9.03 6.83 12.98
CA CYS B 77 -8.78 6.81 14.41
C CYS B 77 -9.42 5.58 15.02
N ALA B 78 -8.77 5.05 16.06
CA ALA B 78 -9.23 3.82 16.70
C ALA B 78 -9.58 4.10 18.16
N THR B 79 -10.68 3.51 18.61
CA THR B 79 -11.14 3.63 19.98
C THR B 79 -11.65 2.27 20.46
N SER B 80 -11.26 1.89 21.67
CA SER B 80 -11.66 0.60 22.22
C SER B 80 -13.10 0.65 22.74
N ARG B 84 -13.24 -8.48 23.67
CA ARG B 84 -14.37 -7.68 23.21
C ARG B 84 -14.21 -7.29 21.74
N GLU B 85 -14.22 -5.99 21.47
CA GLU B 85 -14.02 -5.50 20.11
C GLU B 85 -13.50 -4.07 20.15
N ILE B 86 -12.77 -3.70 19.12
CA ILE B 86 -12.27 -2.33 18.94
C ILE B 86 -13.11 -1.66 17.86
N LYS B 87 -13.31 -0.35 18.02
CA LYS B 87 -14.06 0.46 17.07
C LYS B 87 -13.09 1.37 16.33
N VAL B 88 -13.09 1.29 15.01
CA VAL B 88 -12.23 2.11 14.15
C VAL B 88 -13.13 2.96 13.26
N THR B 89 -12.86 4.25 13.21
CA THR B 89 -13.65 5.20 12.44
C THR B 89 -12.82 5.76 11.31
N LEU B 90 -13.35 5.72 10.10
CA LEU B 90 -12.68 6.22 8.91
C LEU B 90 -13.46 7.40 8.35
N VAL B 91 -12.75 8.47 8.00
CA VAL B 91 -13.33 9.65 7.37
C VAL B 91 -12.90 9.62 5.91
N PHE B 92 -13.85 9.33 5.01
CA PHE B 92 -13.58 9.19 3.59
C PHE B 92 -13.90 10.47 2.84
N GLU B 93 -13.47 10.50 1.58
CA GLU B 93 -13.87 11.53 0.62
C GLU B 93 -15.04 10.97 -0.18
N HIS B 94 -16.23 11.52 0.04
CA HIS B 94 -17.43 11.02 -0.60
C HIS B 94 -17.86 11.90 -1.75
N VAL B 95 -18.50 11.29 -2.75
CA VAL B 95 -19.07 12.00 -3.88
C VAL B 95 -20.53 11.61 -3.99
N ASP B 96 -21.42 12.61 -4.08
CA ASP B 96 -22.85 12.33 -3.99
C ASP B 96 -23.38 11.69 -5.26
N GLN B 97 -22.76 11.95 -6.41
CA GLN B 97 -23.23 11.45 -7.69
C GLN B 97 -22.33 10.34 -8.19
N ASP B 98 -22.94 9.26 -8.69
CA ASP B 98 -22.21 8.13 -9.26
C ASP B 98 -22.36 8.14 -10.78
N LEU B 99 -21.81 7.11 -11.41
CA LEU B 99 -21.77 7.07 -12.87
C LEU B 99 -23.13 6.76 -13.47
N ARG B 100 -23.89 5.86 -12.84
CA ARG B 100 -25.21 5.53 -13.37
C ARG B 100 -26.10 6.76 -13.43
N THR B 101 -26.07 7.61 -12.40
CA THR B 101 -26.80 8.87 -12.45
C THR B 101 -26.28 9.76 -13.57
N TYR B 102 -24.95 9.83 -13.73
CA TYR B 102 -24.36 10.65 -14.78
C TYR B 102 -24.82 10.21 -16.16
N LEU B 103 -24.93 8.89 -16.37
CA LEU B 103 -25.38 8.38 -17.66
C LEU B 103 -26.90 8.46 -17.81
N ASP B 104 -27.64 8.36 -16.71
CA ASP B 104 -29.10 8.50 -16.78
C ASP B 104 -29.49 9.95 -17.09
N LYS B 105 -28.81 10.91 -16.46
CA LYS B 105 -29.07 12.33 -16.69
C LYS B 105 -28.36 12.86 -17.93
N ALA B 106 -27.70 11.99 -18.70
CA ALA B 106 -26.98 12.43 -19.88
C ALA B 106 -27.90 13.16 -20.85
N PRO B 107 -27.35 13.99 -21.73
CA PRO B 107 -28.16 14.60 -22.79
C PRO B 107 -28.97 13.53 -23.49
N PRO B 108 -30.26 13.80 -23.72
CA PRO B 108 -31.18 12.76 -24.21
C PRO B 108 -30.65 12.03 -25.43
N PRO B 109 -29.96 12.69 -26.37
CA PRO B 109 -29.31 11.92 -27.45
C PRO B 109 -28.22 10.99 -26.98
N GLY B 110 -27.65 11.23 -25.79
CA GLY B 110 -26.53 10.44 -25.30
C GLY B 110 -25.42 11.32 -24.78
N LEU B 111 -24.18 10.85 -24.86
CA LEU B 111 -23.08 11.69 -24.44
C LEU B 111 -22.21 12.07 -25.63
N PRO B 112 -21.66 13.29 -25.64
CA PRO B 112 -20.76 13.67 -26.72
C PRO B 112 -19.53 12.75 -26.75
N ALA B 113 -19.07 12.46 -27.97
CA ALA B 113 -17.93 11.55 -28.12
C ALA B 113 -16.68 12.10 -27.44
N GLU B 114 -16.49 13.42 -27.45
CA GLU B 114 -15.33 14.00 -26.78
C GLU B 114 -15.50 14.00 -25.27
N THR B 115 -16.73 14.16 -24.78
CA THR B 115 -16.98 14.05 -23.35
C THR B 115 -16.68 12.64 -22.84
N ILE B 116 -17.04 11.63 -23.63
CA ILE B 116 -16.78 10.25 -23.23
C ILE B 116 -15.28 9.98 -23.20
N LYS B 117 -14.53 10.55 -24.15
CA LYS B 117 -13.08 10.39 -24.14
C LYS B 117 -12.48 10.90 -22.84
N ASP B 118 -12.91 12.07 -22.37
CA ASP B 118 -12.36 12.64 -21.14
C ASP B 118 -12.74 11.80 -19.93
N LEU B 119 -13.93 11.20 -19.93
CA LEU B 119 -14.32 10.33 -18.83
C LEU B 119 -13.48 9.05 -18.81
N MET B 120 -13.21 8.47 -19.97
CA MET B 120 -12.37 7.28 -20.03
C MET B 120 -10.94 7.59 -19.63
N ARG B 121 -10.48 8.83 -19.86
CA ARG B 121 -9.15 9.22 -19.43
C ARG B 121 -9.02 9.16 -17.91
N GLN B 122 -9.89 9.89 -17.21
CA GLN B 122 -9.88 9.86 -15.74
C GLN B 122 -10.15 8.45 -15.23
N PHE B 123 -11.00 7.68 -15.93
CA PHE B 123 -11.28 6.31 -15.54
C PHE B 123 -10.02 5.47 -15.51
N LEU B 124 -9.27 5.47 -16.62
CA LEU B 124 -8.09 4.62 -16.69
C LEU B 124 -6.92 5.19 -15.89
N ARG B 125 -6.86 6.51 -15.71
CA ARG B 125 -5.82 7.10 -14.88
C ARG B 125 -5.92 6.60 -13.44
N GLY B 126 -7.13 6.67 -12.86
CA GLY B 126 -7.32 6.15 -11.52
C GLY B 126 -7.12 4.65 -11.43
N LEU B 127 -7.47 3.92 -12.49
CA LEU B 127 -7.28 2.48 -12.49
C LEU B 127 -5.81 2.12 -12.59
N ASP B 128 -5.07 2.77 -13.48
CA ASP B 128 -3.64 2.55 -13.56
C ASP B 128 -2.94 2.97 -12.28
N PHE B 129 -3.50 3.94 -11.56
CA PHE B 129 -2.94 4.33 -10.26
C PHE B 129 -3.09 3.22 -9.24
N LEU B 130 -4.28 2.60 -9.18
CA LEU B 130 -4.49 1.50 -8.24
C LEU B 130 -3.65 0.28 -8.64
N HIS B 131 -3.64 -0.06 -9.92
CA HIS B 131 -2.86 -1.20 -10.38
C HIS B 131 -1.37 -1.01 -10.10
N ALA B 132 -0.87 0.22 -10.26
CA ALA B 132 0.52 0.49 -9.96
C ALA B 132 0.83 0.38 -8.46
N ASN B 133 -0.20 0.37 -7.62
CA ASN B 133 -0.03 0.22 -6.17
C ASN B 133 -0.59 -1.11 -5.68
N CYS B 134 -0.53 -2.14 -6.51
CA CYS B 134 -0.91 -3.50 -6.13
C CYS B 134 -2.34 -3.55 -5.59
N ILE B 135 -3.25 -2.93 -6.32
CA ILE B 135 -4.66 -2.87 -5.93
C ILE B 135 -5.51 -3.27 -7.12
N VAL B 136 -6.35 -4.29 -6.94
CA VAL B 136 -7.29 -4.73 -7.95
C VAL B 136 -8.69 -4.45 -7.43
N HIS B 137 -9.48 -3.71 -8.21
CA HIS B 137 -10.81 -3.31 -7.75
C HIS B 137 -11.75 -4.51 -7.67
N ARG B 138 -11.65 -5.44 -8.62
CA ARG B 138 -12.37 -6.70 -8.62
C ARG B 138 -13.87 -6.53 -8.86
N ASP B 139 -14.44 -5.38 -8.47
CA ASP B 139 -15.88 -5.13 -8.60
C ASP B 139 -16.06 -3.70 -9.13
N LEU B 140 -15.91 -3.54 -10.44
CA LEU B 140 -16.07 -2.25 -11.10
C LEU B 140 -17.43 -2.19 -11.80
N LYS B 141 -18.26 -1.25 -11.39
CA LYS B 141 -19.54 -1.01 -12.02
C LYS B 141 -19.87 0.46 -11.86
N PRO B 142 -20.81 1.00 -12.66
CA PRO B 142 -21.19 2.42 -12.54
C PRO B 142 -21.60 2.83 -11.13
N GLU B 143 -21.98 1.87 -10.28
CA GLU B 143 -22.27 2.20 -8.90
C GLU B 143 -21.01 2.42 -8.08
N ASN B 144 -19.90 1.79 -8.48
CA ASN B 144 -18.61 1.96 -7.80
C ASN B 144 -17.76 3.04 -8.42
N ILE B 145 -18.33 3.86 -9.31
CA ILE B 145 -17.60 4.92 -10.00
C ILE B 145 -18.36 6.22 -9.76
N LEU B 146 -17.77 7.11 -8.98
CA LEU B 146 -18.39 8.37 -8.62
C LEU B 146 -17.89 9.49 -9.54
N VAL B 147 -18.79 10.44 -9.81
CA VAL B 147 -18.49 11.60 -10.65
C VAL B 147 -18.92 12.85 -9.90
N THR B 148 -18.00 13.78 -9.70
CA THR B 148 -18.34 15.03 -9.04
C THR B 148 -19.17 15.91 -9.97
N SER B 149 -19.76 16.96 -9.38
CA SER B 149 -20.59 17.88 -10.17
C SER B 149 -19.77 18.61 -11.22
N GLY B 150 -18.47 18.77 -11.02
CA GLY B 150 -17.57 19.35 -11.99
C GLY B 150 -17.08 18.42 -13.06
N GLY B 151 -17.42 17.14 -12.97
CA GLY B 151 -17.01 16.17 -13.98
C GLY B 151 -15.74 15.41 -13.66
N THR B 152 -15.46 15.16 -12.38
CA THR B 152 -14.26 14.45 -11.96
C THR B 152 -14.63 13.04 -11.54
N VAL B 153 -14.10 12.05 -12.26
CA VAL B 153 -14.31 10.65 -11.90
C VAL B 153 -13.46 10.32 -10.69
N LYS B 154 -14.06 9.65 -9.71
CA LYS B 154 -13.35 9.22 -8.50
C LYS B 154 -13.76 7.79 -8.19
N LEU B 155 -12.78 6.89 -8.17
CA LEU B 155 -13.04 5.49 -7.84
C LEU B 155 -13.15 5.31 -6.32
N ALA B 156 -13.97 4.35 -5.92
CA ALA B 156 -14.18 4.06 -4.51
C ALA B 156 -14.53 2.59 -4.35
N ASP B 157 -14.69 2.17 -3.10
CA ASP B 157 -15.05 0.80 -2.72
C ASP B 157 -14.02 -0.20 -3.28
N PHE B 158 -12.86 -0.18 -2.63
CA PHE B 158 -11.78 -1.11 -2.98
C PHE B 158 -10.88 -1.27 -1.76
N GLY B 159 -10.26 -2.44 -1.67
CA GLY B 159 -9.37 -2.72 -0.55
C GLY B 159 -10.06 -2.64 0.79
N LEU B 160 -11.31 -3.09 0.86
CA LEU B 160 -12.11 -2.99 2.09
C LEU B 160 -12.73 -4.34 2.43
N THR B 176 -23.35 -7.63 -9.16
CA THR B 176 -23.89 -8.40 -10.27
C THR B 176 -22.78 -8.93 -11.17
N LEU B 177 -23.11 -9.91 -12.01
CA LEU B 177 -22.14 -10.57 -12.87
C LEU B 177 -22.03 -9.91 -14.25
N TRP B 178 -22.65 -8.75 -14.45
CA TRP B 178 -22.67 -8.14 -15.78
C TRP B 178 -21.29 -7.67 -16.20
N TYR B 179 -20.60 -6.94 -15.33
CA TYR B 179 -19.26 -6.44 -15.60
C TYR B 179 -18.17 -7.40 -15.15
N ARG B 180 -18.53 -8.65 -14.85
CA ARG B 180 -17.56 -9.62 -14.41
C ARG B 180 -16.69 -10.09 -15.57
N ALA B 181 -15.38 -10.17 -15.32
CA ALA B 181 -14.45 -10.63 -16.35
C ALA B 181 -14.66 -12.11 -16.64
N PRO B 182 -14.23 -12.58 -17.81
CA PRO B 182 -14.41 -14.00 -18.13
C PRO B 182 -13.66 -14.95 -17.22
N GLU B 183 -12.50 -14.55 -16.69
CA GLU B 183 -11.72 -15.46 -15.88
C GLU B 183 -12.31 -15.60 -14.48
N VAL B 184 -13.04 -14.60 -14.01
CA VAL B 184 -13.69 -14.71 -12.71
C VAL B 184 -15.09 -15.34 -12.81
N LEU B 185 -15.74 -15.22 -13.97
CA LEU B 185 -16.94 -16.01 -14.22
C LEU B 185 -16.62 -17.49 -14.28
N LEU B 186 -15.61 -17.85 -15.07
CA LEU B 186 -15.09 -19.21 -15.11
C LEU B 186 -14.42 -19.64 -13.81
N GLN B 187 -14.27 -18.71 -12.85
CA GLN B 187 -13.65 -18.97 -11.55
C GLN B 187 -12.25 -19.56 -11.73
N SER B 188 -11.36 -18.69 -12.20
CA SER B 188 -9.98 -19.09 -12.48
C SER B 188 -9.00 -18.02 -12.03
N THR B 189 -7.98 -17.75 -12.85
CA THR B 189 -6.93 -16.79 -12.50
C THR B 189 -7.50 -15.38 -12.53
N TYR B 190 -7.63 -14.76 -11.35
CA TYR B 190 -8.14 -13.40 -11.25
C TYR B 190 -7.11 -12.40 -11.75
N ALA B 191 -6.11 -12.12 -10.91
CA ALA B 191 -5.05 -11.16 -11.22
C ALA B 191 -5.61 -9.76 -11.44
N THR B 192 -4.86 -8.91 -12.14
CA THR B 192 -5.22 -7.52 -12.32
C THR B 192 -5.96 -7.18 -13.63
N PRO B 193 -5.87 -7.98 -14.71
CA PRO B 193 -6.64 -7.63 -15.92
C PRO B 193 -8.15 -7.78 -15.77
N VAL B 194 -8.65 -8.22 -14.61
CA VAL B 194 -10.10 -8.31 -14.44
C VAL B 194 -10.74 -6.93 -14.42
N ASP B 195 -9.99 -5.91 -14.03
CA ASP B 195 -10.53 -4.55 -14.03
C ASP B 195 -10.64 -3.98 -15.43
N MET B 196 -9.71 -4.35 -16.32
CA MET B 196 -9.74 -3.80 -17.67
C MET B 196 -10.90 -4.35 -18.49
N TRP B 197 -11.31 -5.60 -18.21
CA TRP B 197 -12.53 -6.09 -18.83
C TRP B 197 -13.73 -5.27 -18.38
N SER B 198 -13.81 -4.93 -17.09
CA SER B 198 -14.89 -4.09 -16.60
C SER B 198 -14.88 -2.72 -17.25
N VAL B 199 -13.70 -2.23 -17.62
CA VAL B 199 -13.61 -0.93 -18.29
C VAL B 199 -14.17 -1.02 -19.71
N GLY B 200 -13.85 -2.12 -20.41
CA GLY B 200 -14.37 -2.29 -21.75
C GLY B 200 -15.89 -2.40 -21.79
N CYS B 201 -16.46 -3.03 -20.76
CA CYS B 201 -17.92 -3.13 -20.67
C CYS B 201 -18.53 -1.75 -20.45
N ILE B 202 -18.01 -1.00 -19.49
CA ILE B 202 -18.50 0.37 -19.26
C ILE B 202 -18.16 1.26 -20.44
N PHE B 203 -17.06 0.97 -21.15
CA PHE B 203 -16.73 1.73 -22.36
C PHE B 203 -17.86 1.66 -23.37
N ALA B 204 -18.34 0.45 -23.66
CA ALA B 204 -19.44 0.29 -24.61
C ALA B 204 -20.75 0.82 -24.04
N GLU B 205 -20.93 0.72 -22.72
CA GLU B 205 -22.19 1.16 -22.11
C GLU B 205 -22.39 2.66 -22.24
N MET B 206 -21.31 3.43 -22.36
CA MET B 206 -21.45 4.87 -22.53
C MET B 206 -22.01 5.26 -23.89
N PHE B 207 -22.09 4.32 -24.83
CA PHE B 207 -22.67 4.57 -26.15
C PHE B 207 -24.03 3.92 -26.35
N ARG B 208 -24.33 2.84 -25.64
CA ARG B 208 -25.66 2.25 -25.67
C ARG B 208 -26.53 2.75 -24.53
N ARG B 209 -25.90 3.14 -23.42
CA ARG B 209 -26.56 3.51 -22.17
C ARG B 209 -27.30 2.31 -21.56
N LYS B 210 -27.24 1.17 -22.23
CA LYS B 210 -27.68 -0.09 -21.66
C LYS B 210 -26.49 -1.03 -21.53
N PRO B 211 -26.42 -1.81 -20.45
CA PRO B 211 -25.27 -2.70 -20.27
C PRO B 211 -25.04 -3.62 -21.46
N LEU B 212 -23.76 -3.88 -21.73
CA LEU B 212 -23.39 -4.69 -22.89
C LEU B 212 -23.70 -6.16 -22.67
N PHE B 213 -23.19 -6.74 -21.59
CA PHE B 213 -23.38 -8.15 -21.26
C PHE B 213 -24.21 -8.24 -19.99
N CYS B 214 -25.46 -8.68 -20.12
CA CYS B 214 -26.37 -8.84 -19.00
C CYS B 214 -26.99 -10.23 -19.06
N GLY B 215 -26.51 -11.13 -18.19
CA GLY B 215 -26.95 -12.51 -18.20
C GLY B 215 -27.47 -12.96 -16.84
N ASN B 216 -27.82 -14.24 -16.77
CA ASN B 216 -28.42 -14.80 -15.56
C ASN B 216 -27.35 -15.26 -14.57
N SER B 217 -26.68 -16.37 -14.87
CA SER B 217 -25.67 -16.96 -14.00
C SER B 217 -24.29 -16.80 -14.64
N GLU B 218 -23.28 -17.37 -13.96
CA GLU B 218 -21.93 -17.34 -14.50
C GLU B 218 -21.86 -18.07 -15.84
N ALA B 219 -22.51 -19.24 -15.93
CA ALA B 219 -22.53 -19.97 -17.18
C ALA B 219 -23.24 -19.18 -18.28
N ASP B 220 -24.31 -18.48 -17.93
CA ASP B 220 -25.06 -17.70 -18.92
C ASP B 220 -24.33 -16.43 -19.29
N GLN B 221 -23.61 -15.82 -18.35
CA GLN B 221 -22.87 -14.59 -18.66
C GLN B 221 -21.78 -14.87 -19.69
N LEU B 222 -21.10 -16.01 -19.58
CA LEU B 222 -20.07 -16.35 -20.55
C LEU B 222 -20.65 -16.59 -21.93
N GLY B 223 -21.89 -17.08 -22.01
CA GLY B 223 -22.51 -17.29 -23.31
C GLY B 223 -22.72 -15.99 -24.07
N LYS B 224 -23.30 -15.00 -23.40
CA LYS B 224 -23.52 -13.70 -24.05
C LYS B 224 -22.21 -13.02 -24.38
N ILE B 225 -21.16 -13.28 -23.61
CA ILE B 225 -19.84 -12.73 -23.93
C ILE B 225 -19.29 -13.38 -25.19
N PHE B 226 -19.36 -14.72 -25.25
CA PHE B 226 -18.84 -15.43 -26.42
C PHE B 226 -19.66 -15.17 -27.67
N ASP B 227 -20.90 -14.72 -27.53
CA ASP B 227 -21.72 -14.38 -28.69
C ASP B 227 -21.22 -13.13 -29.40
N LEU B 228 -20.32 -12.37 -28.80
CA LEU B 228 -19.75 -11.18 -29.40
C LEU B 228 -18.28 -11.34 -29.80
N ILE B 229 -17.48 -12.00 -28.96
CA ILE B 229 -16.05 -12.16 -29.22
C ILE B 229 -15.71 -13.54 -29.77
N GLY B 230 -16.70 -14.39 -29.99
CA GLY B 230 -16.46 -15.73 -30.49
C GLY B 230 -15.99 -16.68 -29.40
N LEU B 231 -15.97 -17.97 -29.76
CA LEU B 231 -15.52 -19.00 -28.82
C LEU B 231 -14.01 -19.12 -28.87
N PRO B 232 -13.30 -18.87 -27.77
CA PRO B 232 -11.84 -18.98 -27.78
C PRO B 232 -11.39 -20.41 -27.99
N PRO B 233 -10.18 -20.63 -28.50
CA PRO B 233 -9.66 -21.99 -28.65
C PRO B 233 -9.28 -22.61 -27.32
N GLU B 234 -8.80 -23.86 -27.35
CA GLU B 234 -8.43 -24.54 -26.11
C GLU B 234 -7.14 -23.98 -25.52
N ASP B 235 -6.25 -23.46 -26.37
CA ASP B 235 -4.98 -22.93 -25.87
C ASP B 235 -5.18 -21.66 -25.06
N ASP B 236 -6.18 -20.85 -25.43
CA ASP B 236 -6.49 -19.65 -24.66
C ASP B 236 -7.41 -19.93 -23.49
N TRP B 237 -7.92 -21.16 -23.35
CA TRP B 237 -8.77 -21.53 -22.24
C TRP B 237 -7.91 -21.85 -21.01
N PRO B 238 -8.30 -21.38 -19.83
CA PRO B 238 -7.48 -21.63 -18.63
C PRO B 238 -7.64 -23.04 -18.10
N ARG B 239 -6.55 -23.55 -17.53
CA ARG B 239 -6.56 -24.87 -16.92
C ARG B 239 -7.16 -24.79 -15.52
N ASP B 240 -7.65 -25.94 -15.04
CA ASP B 240 -8.28 -26.07 -13.73
C ASP B 240 -9.43 -25.06 -13.59
N VAL B 241 -10.43 -25.22 -14.46
CA VAL B 241 -11.51 -24.26 -14.60
C VAL B 241 -12.84 -24.96 -14.30
N SER B 242 -13.83 -24.17 -13.88
CA SER B 242 -15.11 -24.74 -13.49
C SER B 242 -15.86 -25.29 -14.70
N LEU B 243 -15.95 -24.50 -15.78
CA LEU B 243 -16.68 -24.91 -16.97
C LEU B 243 -15.70 -25.20 -18.09
N PRO B 244 -15.77 -26.38 -18.69
CA PRO B 244 -14.87 -26.70 -19.81
C PRO B 244 -15.26 -25.94 -21.07
N ARG B 245 -14.39 -26.03 -22.07
CA ARG B 245 -14.69 -25.38 -23.35
C ARG B 245 -15.86 -26.05 -24.05
N GLY B 246 -16.06 -27.35 -23.82
CA GLY B 246 -17.20 -28.06 -24.37
C GLY B 246 -18.54 -27.64 -23.79
N ALA B 247 -18.54 -26.83 -22.73
CA ALA B 247 -19.77 -26.32 -22.16
C ALA B 247 -20.42 -25.24 -23.02
N PHE B 248 -19.75 -24.80 -24.09
CA PHE B 248 -20.24 -23.71 -24.91
C PHE B 248 -20.15 -24.09 -26.38
N PRO B 249 -21.17 -23.76 -27.16
CA PRO B 249 -21.17 -24.14 -28.58
C PRO B 249 -20.16 -23.32 -29.37
N PRO B 250 -19.70 -23.81 -30.51
CA PRO B 250 -18.77 -23.02 -31.33
C PRO B 250 -19.46 -21.79 -31.89
N ARG B 251 -18.80 -20.64 -31.73
CA ARG B 251 -19.37 -19.37 -32.13
C ARG B 251 -18.31 -18.54 -32.85
N GLY B 252 -18.78 -17.63 -33.71
CA GLY B 252 -17.90 -16.78 -34.45
C GLY B 252 -17.87 -15.37 -33.92
N PRO B 253 -16.70 -14.73 -33.95
CA PRO B 253 -16.59 -13.34 -33.46
C PRO B 253 -17.36 -12.36 -34.33
N ARG B 254 -18.45 -11.81 -33.79
CA ARG B 254 -19.20 -10.81 -34.51
C ARG B 254 -18.40 -9.50 -34.58
N PRO B 255 -18.63 -8.69 -35.60
CA PRO B 255 -17.96 -7.39 -35.67
C PRO B 255 -18.31 -6.53 -34.46
N VAL B 256 -17.32 -5.77 -33.99
CA VAL B 256 -17.52 -4.94 -32.80
C VAL B 256 -18.51 -3.82 -33.08
N GLN B 257 -18.52 -3.30 -34.31
CA GLN B 257 -19.46 -2.23 -34.66
C GLN B 257 -20.90 -2.73 -34.75
N SER B 258 -21.13 -4.05 -34.70
CA SER B 258 -22.49 -4.57 -34.81
C SER B 258 -23.32 -4.25 -33.57
N VAL B 259 -22.69 -3.99 -32.43
CA VAL B 259 -23.42 -3.72 -31.20
C VAL B 259 -23.17 -2.33 -30.64
N VAL B 260 -22.05 -1.69 -30.95
CA VAL B 260 -21.78 -0.33 -30.50
C VAL B 260 -21.55 0.56 -31.72
N PRO B 261 -22.56 0.80 -32.55
CA PRO B 261 -22.33 1.50 -33.83
C PRO B 261 -22.19 3.01 -33.70
N GLU B 262 -22.50 3.60 -32.55
CA GLU B 262 -22.34 5.04 -32.35
C GLU B 262 -20.90 5.43 -32.09
N MET B 263 -19.96 4.49 -32.20
CA MET B 263 -18.57 4.68 -31.82
C MET B 263 -17.70 4.74 -33.06
N GLU B 264 -16.65 5.56 -32.99
CA GLU B 264 -15.74 5.74 -34.10
C GLU B 264 -14.96 4.45 -34.38
N GLU B 265 -14.26 4.43 -35.51
CA GLU B 265 -13.56 3.22 -35.93
C GLU B 265 -12.42 2.87 -34.98
N SER B 266 -11.66 3.87 -34.52
CA SER B 266 -10.55 3.58 -33.62
C SER B 266 -11.02 3.15 -32.25
N GLY B 267 -12.16 3.67 -31.79
CA GLY B 267 -12.69 3.24 -30.50
C GLY B 267 -13.09 1.78 -30.51
N ALA B 268 -13.64 1.31 -31.63
CA ALA B 268 -13.96 -0.10 -31.76
C ALA B 268 -12.70 -0.96 -31.71
N GLN B 269 -11.59 -0.44 -32.22
CA GLN B 269 -10.32 -1.14 -32.11
C GLN B 269 -9.84 -1.20 -30.66
N LEU B 270 -10.03 -0.11 -29.92
CA LEU B 270 -9.60 -0.07 -28.53
C LEU B 270 -10.50 -0.93 -27.64
N LEU B 271 -11.80 -1.00 -27.95
CA LEU B 271 -12.72 -1.77 -27.13
C LEU B 271 -12.38 -3.26 -27.19
N LEU B 272 -12.05 -3.77 -28.37
CA LEU B 272 -11.73 -5.19 -28.51
C LEU B 272 -10.49 -5.57 -27.72
N GLU B 273 -9.51 -4.66 -27.61
CA GLU B 273 -8.35 -4.93 -26.78
C GLU B 273 -8.71 -4.99 -25.30
N MET B 274 -9.70 -4.21 -24.88
CA MET B 274 -10.19 -4.34 -23.51
C MET B 274 -11.00 -5.62 -23.33
N LEU B 275 -11.86 -5.92 -24.29
CA LEU B 275 -12.68 -7.14 -24.25
C LEU B 275 -11.98 -8.30 -24.93
N THR B 276 -10.71 -8.52 -24.59
CA THR B 276 -9.97 -9.68 -25.05
C THR B 276 -10.11 -10.79 -24.00
N PHE B 277 -10.40 -12.01 -24.47
CA PHE B 277 -10.65 -13.11 -23.56
C PHE B 277 -9.43 -13.41 -22.69
N ASN B 278 -8.32 -13.76 -23.32
CA ASN B 278 -7.10 -14.11 -22.60
C ASN B 278 -6.61 -12.89 -21.80
N PRO B 279 -6.51 -12.99 -20.47
CA PRO B 279 -6.12 -11.81 -19.68
C PRO B 279 -4.66 -11.40 -19.91
N HIS B 280 -3.82 -12.30 -20.41
CA HIS B 280 -2.42 -11.98 -20.66
C HIS B 280 -2.20 -11.24 -21.97
N LYS B 281 -3.18 -11.25 -22.88
CA LYS B 281 -3.15 -10.41 -24.06
C LYS B 281 -4.02 -9.17 -23.91
N ARG B 282 -4.87 -9.12 -22.88
CA ARG B 282 -5.75 -7.99 -22.67
C ARG B 282 -4.95 -6.71 -22.44
N ILE B 283 -5.44 -5.61 -23.00
CA ILE B 283 -4.73 -4.34 -22.91
C ILE B 283 -4.70 -3.85 -21.47
N SER B 284 -3.62 -3.17 -21.11
CA SER B 284 -3.48 -2.60 -19.78
C SER B 284 -4.04 -1.18 -19.75
N ALA B 285 -4.22 -0.65 -18.54
CA ALA B 285 -4.74 0.70 -18.40
C ALA B 285 -3.75 1.73 -18.93
N PHE B 286 -2.46 1.48 -18.76
CA PHE B 286 -1.45 2.42 -19.25
C PHE B 286 -1.41 2.42 -20.78
N ARG B 287 -1.51 1.24 -21.40
CA ARG B 287 -1.53 1.16 -22.86
C ARG B 287 -2.76 1.85 -23.43
N ALA B 288 -3.90 1.74 -22.74
CA ALA B 288 -5.12 2.36 -23.23
C ALA B 288 -4.97 3.88 -23.31
N LEU B 289 -4.28 4.48 -22.36
CA LEU B 289 -3.99 5.91 -22.43
C LEU B 289 -3.18 6.26 -23.67
N GLN B 290 -2.37 5.33 -24.15
CA GLN B 290 -1.49 5.60 -25.28
C GLN B 290 -2.11 5.24 -26.62
N HIS B 291 -3.29 4.63 -26.65
CA HIS B 291 -3.95 4.32 -27.90
C HIS B 291 -4.37 5.61 -28.61
N SER B 292 -4.48 5.53 -29.93
CA SER B 292 -4.76 6.72 -30.73
C SER B 292 -6.10 7.34 -30.41
N TYR B 293 -7.04 6.56 -29.87
CA TYR B 293 -8.38 7.10 -29.60
C TYR B 293 -8.36 8.15 -28.50
N LEU B 294 -7.55 7.94 -27.47
CA LEU B 294 -7.53 8.84 -26.32
C LEU B 294 -6.44 9.89 -26.39
N HIS B 295 -5.42 9.71 -27.24
CA HIS B 295 -4.40 10.74 -27.46
C HIS B 295 -4.99 11.83 -28.33
N LYS B 296 -5.78 12.70 -27.70
CA LYS B 296 -6.43 13.80 -28.42
C LYS B 296 -6.13 15.13 -27.72
N ASP B 297 -7.06 16.08 -27.84
CA ASP B 297 -6.92 17.40 -27.22
C ASP B 297 -5.65 18.10 -27.68
N GLY C 9 19.61 -20.75 26.50
CA GLY C 9 18.37 -20.67 25.75
C GLY C 9 18.34 -19.54 24.75
N SER C 10 17.92 -18.36 25.20
CA SER C 10 17.84 -17.16 24.36
C SER C 10 18.49 -16.00 25.10
N LYS C 11 19.57 -15.47 24.53
CA LYS C 11 20.27 -14.34 25.12
C LYS C 11 19.56 -13.01 24.89
N ALA C 12 18.44 -13.01 24.18
CA ALA C 12 17.74 -11.78 23.82
C ALA C 12 16.59 -11.44 24.77
N CYS C 13 16.33 -12.29 25.77
CA CYS C 13 15.27 -12.04 26.74
C CYS C 13 15.88 -11.29 27.92
N ARG C 14 15.45 -10.04 28.11
CA ARG C 14 16.02 -9.17 29.13
C ARG C 14 15.20 -7.90 29.21
N ARG C 15 15.23 -7.26 30.38
CA ARG C 15 14.72 -5.91 30.53
C ARG C 15 15.83 -4.93 30.18
N LEU C 16 15.46 -3.85 29.49
CA LEU C 16 16.47 -2.94 28.99
C LEU C 16 16.74 -1.78 29.94
N PHE C 17 15.74 -1.32 30.68
CA PHE C 17 15.89 -0.16 31.56
C PHE C 17 15.13 -0.38 32.87
N GLY C 18 15.38 -1.52 33.52
CA GLY C 18 14.89 -1.77 34.84
C GLY C 18 13.39 -2.04 34.92
N PRO C 19 12.73 -1.41 35.89
CA PRO C 19 11.32 -1.71 36.15
C PRO C 19 10.34 -0.81 35.42
N VAL C 20 9.05 -1.14 35.50
CA VAL C 20 7.99 -0.34 34.91
C VAL C 20 6.92 -0.14 35.98
N ASP C 21 6.58 1.12 36.26
CA ASP C 21 5.46 1.42 37.14
C ASP C 21 4.18 1.07 36.38
N SER C 22 3.59 -0.08 36.71
CA SER C 22 2.60 -0.70 35.84
C SER C 22 1.39 0.19 35.64
N GLU C 23 0.72 0.58 36.74
CA GLU C 23 -0.52 1.32 36.62
C GLU C 23 -0.33 2.61 35.85
N GLN C 24 0.75 3.33 36.12
CA GLN C 24 1.02 4.57 35.40
C GLN C 24 1.14 4.36 33.90
N LEU C 25 1.49 3.15 33.45
CA LEU C 25 1.43 2.86 32.02
C LEU C 25 -0.02 2.78 31.56
N SER C 26 -0.86 2.08 32.31
CA SER C 26 -2.29 2.07 32.01
C SER C 26 -2.91 3.45 32.24
N ARG C 27 -2.36 4.23 33.17
CA ARG C 27 -2.83 5.59 33.37
C ARG C 27 -2.44 6.49 32.21
N ASP C 28 -1.21 6.37 31.72
CA ASP C 28 -0.76 7.20 30.61
C ASP C 28 -1.36 6.75 29.29
N CYS C 29 -1.37 5.44 29.03
CA CYS C 29 -1.88 4.93 27.76
C CYS C 29 -3.31 5.37 27.51
N ASP C 30 -4.08 5.65 28.57
CA ASP C 30 -5.40 6.23 28.43
C ASP C 30 -5.36 7.75 28.37
N ALA C 31 -4.34 8.37 28.97
CA ALA C 31 -4.23 9.82 28.93
C ALA C 31 -3.96 10.31 27.52
N LEU C 32 -3.12 9.60 26.77
CA LEU C 32 -2.82 10.00 25.39
C LEU C 32 -3.79 9.39 24.38
N MET C 33 -4.47 8.30 24.74
CA MET C 33 -5.53 7.77 23.88
C MET C 33 -6.68 8.75 23.77
N ALA C 34 -7.09 9.33 24.89
CA ALA C 34 -8.11 10.38 24.85
C ALA C 34 -7.59 11.65 24.19
N GLY C 35 -6.28 11.87 24.21
CA GLY C 35 -5.73 12.99 23.47
C GLY C 35 -5.85 12.80 21.97
N CYS C 36 -5.70 11.57 21.49
CA CYS C 36 -5.95 11.28 20.08
C CYS C 36 -7.43 11.44 19.76
N ILE C 37 -8.32 11.13 20.71
CA ILE C 37 -9.75 11.33 20.49
C ILE C 37 -10.06 12.82 20.40
N GLN C 38 -9.42 13.63 21.24
CA GLN C 38 -9.65 15.07 21.21
C GLN C 38 -9.15 15.68 19.91
N GLU C 39 -7.95 15.29 19.47
CA GLU C 39 -7.45 15.74 18.18
C GLU C 39 -8.36 15.27 17.04
N ALA C 40 -9.02 14.13 17.20
CA ALA C 40 -9.90 13.62 16.17
C ALA C 40 -11.16 14.48 16.05
N ARG C 41 -11.86 14.70 17.17
CA ARG C 41 -13.11 15.45 17.14
C ARG C 41 -12.91 16.96 17.01
N GLU C 42 -11.68 17.45 17.22
CA GLU C 42 -11.41 18.86 16.95
C GLU C 42 -11.06 19.12 15.50
N ARG C 43 -10.83 18.07 14.69
CA ARG C 43 -10.64 18.23 13.26
C ARG C 43 -11.99 18.19 12.54
N TRP C 44 -12.71 17.08 12.65
CA TRP C 44 -14.09 16.98 12.22
C TRP C 44 -14.97 16.99 13.47
N ASN C 45 -15.85 17.98 13.57
CA ASN C 45 -16.72 18.10 14.73
C ASN C 45 -17.62 16.88 14.85
N PHE C 46 -17.11 15.83 15.51
CA PHE C 46 -17.80 14.55 15.60
C PHE C 46 -17.10 13.67 16.63
N ASP C 47 -17.71 13.53 17.82
CA ASP C 47 -17.12 12.70 18.86
C ASP C 47 -17.02 11.26 18.39
N PHE C 48 -15.79 10.76 18.25
CA PHE C 48 -15.59 9.43 17.67
C PHE C 48 -16.10 8.33 18.60
N VAL C 49 -15.85 8.45 19.90
CA VAL C 49 -16.20 7.37 20.81
C VAL C 49 -17.71 7.23 20.97
N THR C 50 -18.45 8.33 20.82
CA THR C 50 -19.91 8.30 20.99
C THR C 50 -20.66 8.48 19.68
N GLU C 51 -19.96 8.71 18.56
CA GLU C 51 -20.51 8.85 17.21
C GLU C 51 -21.87 9.57 17.17
N THR C 52 -21.88 10.85 17.49
CA THR C 52 -23.14 11.59 17.57
C THR C 52 -23.06 13.07 17.16
N PRO C 53 -22.25 13.91 17.84
CA PRO C 53 -22.55 15.34 17.85
C PRO C 53 -22.29 16.09 16.55
N LEU C 54 -22.57 17.40 16.58
CA LEU C 54 -22.39 18.29 15.44
C LEU C 54 -21.60 19.53 15.89
N GLU C 55 -22.22 20.71 15.71
CA GLU C 55 -21.70 21.99 16.20
C GLU C 55 -20.27 22.25 15.75
N GLY C 56 -20.11 22.78 14.54
CA GLY C 56 -18.79 23.11 14.03
C GLY C 56 -18.78 23.45 12.55
N ASP C 57 -18.69 22.42 11.71
CA ASP C 57 -18.67 22.60 10.26
C ASP C 57 -19.29 21.40 9.57
N PHE C 58 -19.48 20.32 10.31
CA PHE C 58 -20.05 19.09 9.77
C PHE C 58 -21.53 19.31 9.41
N ALA C 59 -22.07 18.36 8.66
CA ALA C 59 -23.50 18.30 8.41
C ALA C 59 -24.13 17.08 9.07
N TRP C 60 -23.66 15.88 8.74
CA TRP C 60 -24.01 14.64 9.41
C TRP C 60 -25.48 14.26 9.26
N GLU C 61 -25.75 13.26 8.43
CA GLU C 61 -27.09 12.68 8.33
C GLU C 61 -26.94 11.23 7.86
N ARG C 62 -27.64 10.33 8.54
CA ARG C 62 -27.54 8.89 8.25
C ARG C 62 -27.88 8.57 6.80
#